data_6ZCN
#
_entry.id   6ZCN
#
_cell.length_a   39.690
_cell.length_b   103.390
_cell.length_c   42.050
_cell.angle_alpha   90.000
_cell.angle_beta   106.479
_cell.angle_gamma   90.000
#
_symmetry.space_group_name_H-M   'P 1 21 1'
#
loop_
_entity.id
_entity.type
_entity.pdbx_description
1 polymer YTHDC1
2 non-polymer 'SULFATE ION'
3 non-polymer "N6-METHYLADENOSINE-5'-MONOPHOSPHATE"
4 water water
#
_entity_poly.entity_id   1
_entity_poly.type   'polypeptide(L)'
_entity_poly.pdbx_seq_one_letter_code
;MHHHHHHSSGRENLYFQGTSKLKYVLQDARFFLIKSNNHENVSLAKAKGVWSTLPVNEKKLNLAFRSARSVILIFSVRES
GKFQGFARLSSESHHGGSPIHWVLPAGMSAKMLGGVFKIDWICRRELPFTKSAHLTNPWNEHKPVKIGRDGQEIELECGT
QLCLLFPPDESIDLYQVIHKMRH
;
_entity_poly.pdbx_strand_id   A,B
#
loop_
_chem_comp.id
_chem_comp.type
_chem_comp.name
_chem_comp.formula
6MZ RNA linking N6-METHYLADENOSINE-5'-MONOPHOSPHATE 'C11 H16 N5 O7 P'
SO4 non-polymer 'SULFATE ION' 'O4 S -2'
#
# COMPACT_ATOMS: atom_id res chain seq x y z
N GLY A 18 -2.69 -20.99 16.14
CA GLY A 18 -3.77 -20.05 15.84
C GLY A 18 -3.34 -18.60 15.78
N THR A 19 -4.32 -17.71 15.59
CA THR A 19 -4.05 -16.28 15.46
C THR A 19 -4.78 -15.43 16.48
N SER A 20 -5.53 -16.04 17.41
CA SER A 20 -6.31 -15.23 18.35
C SER A 20 -5.43 -14.50 19.35
N LYS A 21 -4.44 -15.19 19.93
CA LYS A 21 -3.54 -14.49 20.85
C LYS A 21 -2.76 -13.40 20.11
N LEU A 22 -2.33 -13.67 18.87
CA LEU A 22 -1.64 -12.64 18.08
C LEU A 22 -2.54 -11.42 17.89
N LYS A 23 -3.81 -11.63 17.55
CA LYS A 23 -4.73 -10.50 17.38
C LYS A 23 -4.92 -9.73 18.68
N TYR A 24 -4.95 -10.44 19.82
CA TYR A 24 -5.08 -9.76 21.10
C TYR A 24 -3.86 -8.89 21.38
N VAL A 25 -2.67 -9.36 21.02
CA VAL A 25 -1.45 -8.58 21.24
C VAL A 25 -1.48 -7.33 20.36
N LEU A 26 -1.99 -7.47 19.13
CA LEU A 26 -2.02 -6.39 18.15
C LEU A 26 -3.16 -5.41 18.38
N GLN A 27 -4.08 -5.72 19.28
CA GLN A 27 -5.23 -4.86 19.53
CA GLN A 27 -5.23 -4.86 19.51
C GLN A 27 -4.77 -3.51 20.03
N ASP A 28 -5.16 -2.44 19.31
CA ASP A 28 -4.80 -1.08 19.67
C ASP A 28 -3.29 -0.91 19.83
N ALA A 29 -2.52 -1.63 19.03
CA ALA A 29 -1.08 -1.44 19.04
C ALA A 29 -0.70 -0.25 18.17
N ARG A 30 0.52 0.22 18.35
CA ARG A 30 1.17 1.08 17.37
C ARG A 30 2.26 0.28 16.66
N PHE A 31 2.53 0.65 15.41
CA PHE A 31 3.45 -0.07 14.54
C PHE A 31 4.49 0.88 13.97
N PHE A 32 5.75 0.46 13.95
CA PHE A 32 6.81 1.27 13.37
C PHE A 32 7.68 0.42 12.46
N LEU A 33 7.97 0.94 11.27
CA LEU A 33 8.87 0.30 10.33
C LEU A 33 10.32 0.51 10.75
N ILE A 34 11.10 -0.56 10.79
CA ILE A 34 12.53 -0.50 11.10
C ILE A 34 13.30 -0.92 9.85
N LYS A 35 14.21 -0.07 9.40
CA LYS A 35 15.05 -0.34 8.22
C LYS A 35 16.47 -0.54 8.70
N SER A 36 16.95 -1.79 8.68
CA SER A 36 18.31 -2.05 9.06
C SER A 36 19.19 -2.08 7.82
N ASN A 37 20.35 -1.43 7.91
CA ASN A 37 21.27 -1.46 6.78
C ASN A 37 21.91 -2.82 6.58
N ASN A 38 21.85 -3.71 7.59
CA ASN A 38 22.56 -4.98 7.44
C ASN A 38 21.79 -6.10 8.15
N HIS A 39 22.05 -7.33 7.69
CA HIS A 39 21.44 -8.52 8.27
C HIS A 39 22.00 -8.82 9.66
N GLU A 40 23.28 -8.51 9.89
CA GLU A 40 23.95 -8.86 11.14
C GLU A 40 23.18 -8.30 12.34
N ASN A 41 22.77 -7.04 12.27
CA ASN A 41 22.15 -6.42 13.43
C ASN A 41 20.77 -7.00 13.71
N VAL A 42 20.06 -7.43 12.66
CA VAL A 42 18.77 -8.07 12.87
C VAL A 42 18.95 -9.46 13.46
N SER A 43 20.00 -10.15 13.04
CA SER A 43 20.31 -11.45 13.64
CA SER A 43 20.31 -11.45 13.64
C SER A 43 20.70 -11.28 15.11
N LEU A 44 21.50 -10.27 15.43
CA LEU A 44 21.84 -9.99 16.82
C LEU A 44 20.58 -9.67 17.62
N ALA A 45 19.67 -8.89 17.04
CA ALA A 45 18.44 -8.51 17.72
C ALA A 45 17.59 -9.71 18.02
N LYS A 46 17.54 -10.67 17.09
CA LYS A 46 16.76 -11.88 17.29
C LYS A 46 17.38 -12.76 18.36
N ALA A 47 18.70 -12.78 18.47
CA ALA A 47 19.35 -13.62 19.46
C ALA A 47 19.27 -13.03 20.87
N LYS A 48 19.34 -11.70 20.98
CA LYS A 48 19.51 -11.03 22.27
C LYS A 48 18.27 -10.27 22.72
N GLY A 49 17.29 -10.09 21.86
CA GLY A 49 16.07 -9.41 22.26
C GLY A 49 16.29 -7.95 22.53
N VAL A 50 17.06 -7.27 21.68
CA VAL A 50 17.34 -5.85 21.83
C VAL A 50 17.29 -5.18 20.47
N TRP A 51 17.05 -3.87 20.50
CA TRP A 51 17.21 -3.05 19.31
C TRP A 51 17.71 -1.67 19.70
N SER A 52 18.47 -1.05 18.81
CA SER A 52 18.88 0.34 18.95
C SER A 52 18.61 1.08 17.65
N THR A 53 18.29 2.37 17.77
CA THR A 53 18.00 3.21 16.60
C THR A 53 18.58 4.60 16.83
N LEU A 54 18.52 5.42 15.79
CA LEU A 54 19.05 6.78 15.89
C LEU A 54 18.21 7.61 16.86
N PRO A 55 18.82 8.65 17.47
CA PRO A 55 18.10 9.41 18.51
C PRO A 55 16.73 9.95 18.11
N VAL A 56 16.53 10.36 16.85
CA VAL A 56 15.23 10.91 16.47
C VAL A 56 14.14 9.85 16.60
N ASN A 57 14.43 8.61 16.20
CA ASN A 57 13.47 7.52 16.35
C ASN A 57 13.39 7.01 17.76
N GLU A 58 14.53 7.02 18.47
CA GLU A 58 14.53 6.61 19.87
C GLU A 58 13.55 7.44 20.69
N LYS A 59 13.52 8.76 20.45
CA LYS A 59 12.55 9.60 21.14
C LYS A 59 11.13 9.23 20.77
N LYS A 60 10.87 8.95 19.48
CA LYS A 60 9.52 8.60 19.06
C LYS A 60 9.06 7.28 19.68
N LEU A 61 9.95 6.28 19.71
CA LEU A 61 9.59 5.01 20.29
C LEU A 61 9.33 5.12 21.79
N ASN A 62 10.14 5.93 22.49
CA ASN A 62 9.92 6.10 23.92
C ASN A 62 8.54 6.72 24.20
N LEU A 63 8.17 7.76 23.43
CA LEU A 63 6.83 8.34 23.56
C LEU A 63 5.75 7.31 23.27
N ALA A 64 5.93 6.52 22.21
CA ALA A 64 4.89 5.57 21.83
C ALA A 64 4.74 4.48 22.88
N PHE A 65 5.84 4.09 23.50
CA PHE A 65 5.80 2.99 24.46
C PHE A 65 4.86 3.32 25.62
N ARG A 66 4.82 4.57 26.04
CA ARG A 66 3.95 4.98 27.14
C ARG A 66 2.50 5.18 26.70
N SER A 67 2.22 5.17 25.40
CA SER A 67 0.92 5.59 24.87
C SER A 67 0.02 4.44 24.45
N ALA A 68 0.55 3.23 24.32
CA ALA A 68 -0.20 2.14 23.72
C ALA A 68 0.13 0.87 24.48
N ARG A 69 -0.82 -0.08 24.47
CA ARG A 69 -0.59 -1.35 25.14
C ARG A 69 0.56 -2.14 24.50
N SER A 70 0.78 -1.98 23.20
CA SER A 70 1.85 -2.66 22.46
C SER A 70 2.44 -1.70 21.43
N VAL A 71 3.77 -1.62 21.37
CA VAL A 71 4.48 -0.95 20.28
C VAL A 71 5.22 -2.04 19.51
N ILE A 72 4.93 -2.15 18.22
CA ILE A 72 5.43 -3.23 17.37
C ILE A 72 6.46 -2.65 16.41
N LEU A 73 7.64 -3.25 16.37
CA LEU A 73 8.66 -2.95 15.37
C LEU A 73 8.59 -4.00 14.28
N ILE A 74 8.50 -3.56 13.03
CA ILE A 74 8.45 -4.46 11.88
C ILE A 74 9.75 -4.25 11.12
N PHE A 75 10.57 -5.31 11.06
CA PHE A 75 11.96 -5.20 10.61
C PHE A 75 12.09 -5.49 9.13
N SER A 76 12.88 -4.66 8.42
CA SER A 76 13.29 -4.99 7.06
C SER A 76 14.76 -4.62 6.84
N VAL A 77 15.52 -5.58 6.34
CA VAL A 77 16.92 -5.35 5.98
C VAL A 77 16.97 -4.76 4.58
N ARG A 78 17.64 -3.61 4.45
CA ARG A 78 17.76 -2.94 3.16
C ARG A 78 18.31 -3.89 2.10
N GLU A 79 17.73 -3.79 0.90
CA GLU A 79 18.08 -4.56 -0.30
C GLU A 79 17.63 -6.01 -0.23
N SER A 80 17.05 -6.46 0.88
CA SER A 80 16.66 -7.86 0.98
C SER A 80 15.36 -8.18 0.28
N GLY A 81 14.53 -7.16 0.00
CA GLY A 81 13.22 -7.38 -0.57
C GLY A 81 12.23 -8.07 0.35
N LYS A 82 12.49 -8.08 1.66
CA LYS A 82 11.67 -8.82 2.60
CA LYS A 82 11.66 -8.82 2.60
C LYS A 82 11.60 -8.08 3.93
N PHE A 83 10.61 -8.45 4.72
CA PHE A 83 10.63 -8.18 6.15
C PHE A 83 11.21 -9.40 6.84
N GLN A 84 11.93 -9.19 7.94
CA GLN A 84 12.55 -10.33 8.64
C GLN A 84 11.83 -10.72 9.92
N GLY A 85 10.71 -10.06 10.25
CA GLY A 85 9.97 -10.45 11.44
C GLY A 85 9.42 -9.23 12.14
N PHE A 86 8.77 -9.41 13.30
CA PHE A 86 8.35 -8.27 14.09
C PHE A 86 8.38 -8.61 15.57
N ALA A 87 8.47 -7.55 16.39
CA ALA A 87 8.71 -7.70 17.82
C ALA A 87 7.99 -6.59 18.56
N ARG A 88 7.78 -6.80 19.86
CA ARG A 88 7.11 -5.86 20.73
C ARG A 88 8.11 -5.23 21.69
N LEU A 89 8.10 -3.91 21.79
CA LEU A 89 8.87 -3.25 22.84
C LEU A 89 8.41 -3.72 24.21
N SER A 90 9.35 -4.16 25.03
CA SER A 90 9.08 -4.46 26.43
C SER A 90 9.69 -3.42 27.36
N SER A 91 10.39 -2.43 26.82
CA SER A 91 11.02 -1.40 27.64
C SER A 91 11.17 -0.13 26.81
N GLU A 92 11.24 1.00 27.52
CA GLU A 92 11.83 2.19 26.96
C GLU A 92 13.33 1.98 26.77
N SER A 93 13.98 2.91 26.08
CA SER A 93 15.41 2.76 25.85
C SER A 93 16.19 3.04 27.14
N HIS A 94 17.33 2.38 27.26
CA HIS A 94 18.23 2.54 28.40
C HIS A 94 19.66 2.55 27.91
N HIS A 95 20.51 3.31 28.60
CA HIS A 95 21.94 3.38 28.32
C HIS A 95 22.74 2.79 29.48
N GLY A 96 23.98 2.41 29.17
CA GLY A 96 24.92 2.01 30.18
C GLY A 96 25.10 0.53 30.40
N GLY A 97 24.51 -0.32 29.55
CA GLY A 97 24.68 -1.75 29.67
C GLY A 97 25.96 -2.23 29.01
N SER A 98 25.98 -3.51 28.69
CA SER A 98 27.09 -4.06 27.91
C SER A 98 26.99 -3.55 26.48
N PRO A 99 28.02 -2.91 25.93
CA PRO A 99 27.91 -2.32 24.59
C PRO A 99 27.61 -3.39 23.55
N ILE A 100 26.43 -3.29 22.93
CA ILE A 100 26.04 -4.27 21.92
C ILE A 100 26.89 -4.08 20.68
N HIS A 101 27.41 -5.20 20.15
CA HIS A 101 28.36 -5.15 19.04
C HIS A 101 27.62 -5.03 17.71
N TRP A 102 26.88 -3.93 17.58
CA TRP A 102 26.24 -3.61 16.31
C TRP A 102 27.29 -3.41 15.22
N VAL A 103 26.98 -3.89 14.02
CA VAL A 103 27.73 -3.49 12.84
C VAL A 103 27.25 -2.09 12.47
N LEU A 104 28.19 -1.15 12.40
CA LEU A 104 27.79 0.25 12.24
C LEU A 104 27.81 0.65 10.78
N PRO A 105 26.72 1.18 10.24
CA PRO A 105 26.77 1.72 8.87
C PRO A 105 27.78 2.86 8.79
N ALA A 106 28.20 3.15 7.56
CA ALA A 106 29.13 4.26 7.35
C ALA A 106 28.52 5.56 7.85
N GLY A 107 29.31 6.33 8.59
CA GLY A 107 28.83 7.56 9.17
C GLY A 107 28.11 7.43 10.49
N MET A 108 27.85 6.21 10.96
CA MET A 108 27.14 6.02 12.23
C MET A 108 28.14 5.64 13.32
N SER A 109 28.05 6.34 14.45
CA SER A 109 28.89 6.07 15.60
C SER A 109 28.15 5.19 16.60
N ALA A 110 28.92 4.52 17.45
CA ALA A 110 28.31 3.69 18.48
C ALA A 110 27.44 4.53 19.41
N LYS A 111 27.87 5.76 19.71
CA LYS A 111 27.10 6.64 20.57
C LYS A 111 25.71 6.91 20.01
N MET A 112 25.57 6.91 18.68
CA MET A 112 24.27 7.18 18.09
C MET A 112 23.27 6.05 18.35
N LEU A 113 23.76 4.82 18.56
CA LEU A 113 22.92 3.68 18.93
C LEU A 113 22.99 3.37 20.41
N GLY A 114 23.31 4.37 21.24
CA GLY A 114 23.51 4.10 22.66
C GLY A 114 22.26 3.64 23.40
N GLY A 115 21.09 4.14 22.98
CA GLY A 115 19.86 3.72 23.64
C GLY A 115 19.44 2.33 23.19
N VAL A 116 19.23 1.44 24.16
CA VAL A 116 18.87 0.05 23.90
C VAL A 116 17.45 -0.20 24.39
N PHE A 117 16.60 -0.65 23.48
CA PHE A 117 15.27 -1.16 23.81
C PHE A 117 15.33 -2.67 23.98
N LYS A 118 14.65 -3.19 24.99
CA LYS A 118 14.41 -4.61 25.05
C LYS A 118 13.15 -4.92 24.25
N ILE A 119 13.22 -6.00 23.47
CA ILE A 119 12.09 -6.43 22.64
C ILE A 119 11.80 -7.90 22.88
N ASP A 120 10.53 -8.26 22.71
CA ASP A 120 10.07 -9.64 22.69
C ASP A 120 9.63 -9.94 21.27
N TRP A 121 10.26 -10.94 20.65
CA TRP A 121 9.91 -11.27 19.28
C TRP A 121 8.54 -11.93 19.24
N ILE A 122 7.74 -11.55 18.24
CA ILE A 122 6.44 -12.15 18.05
CA ILE A 122 6.43 -12.13 18.02
C ILE A 122 6.49 -13.07 16.84
N CYS A 123 7.34 -12.74 15.85
CA CYS A 123 7.50 -13.59 14.67
C CYS A 123 8.91 -13.38 14.15
N ARG A 124 9.69 -14.45 14.01
CA ARG A 124 11.05 -14.35 13.48
C ARG A 124 11.14 -14.82 12.04
N ARG A 125 10.01 -15.10 11.40
CA ARG A 125 9.94 -15.54 10.02
C ARG A 125 9.98 -14.36 9.06
N GLU A 126 10.36 -14.62 7.82
CA GLU A 126 10.43 -13.61 6.77
CA GLU A 126 10.40 -13.56 6.83
C GLU A 126 9.10 -13.48 6.05
N LEU A 127 8.88 -12.29 5.44
CA LEU A 127 7.76 -12.06 4.55
C LEU A 127 8.24 -11.26 3.34
N PRO A 128 8.14 -11.79 2.13
CA PRO A 128 8.60 -11.05 0.96
C PRO A 128 7.70 -9.85 0.66
N PHE A 129 8.32 -8.78 0.15
CA PHE A 129 7.56 -7.58 -0.21
C PHE A 129 6.46 -7.89 -1.22
N THR A 130 6.64 -8.91 -2.06
CA THR A 130 5.61 -9.24 -3.03
C THR A 130 4.28 -9.60 -2.37
N LYS A 131 4.32 -10.10 -1.12
CA LYS A 131 3.09 -10.49 -0.43
C LYS A 131 2.37 -9.34 0.27
N SER A 132 2.98 -8.16 0.38
CA SER A 132 2.34 -7.02 1.04
C SER A 132 2.05 -5.89 0.06
N ALA A 133 2.07 -6.18 -1.24
CA ALA A 133 1.88 -5.13 -2.23
C ALA A 133 0.48 -4.52 -2.18
N HIS A 134 -0.47 -5.20 -1.57
CA HIS A 134 -1.84 -4.71 -1.47
C HIS A 134 -2.05 -3.82 -0.26
N LEU A 135 -1.02 -3.55 0.54
CA LEU A 135 -1.16 -2.78 1.77
C LEU A 135 -0.42 -1.47 1.61
N THR A 136 -1.15 -0.36 1.74
CA THR A 136 -0.58 0.97 1.70
C THR A 136 -0.72 1.64 3.06
N ASN A 137 0.22 2.54 3.35
CA ASN A 137 0.32 3.18 4.66
C ASN A 137 -0.20 4.62 4.56
N PRO A 138 -1.36 4.92 5.14
CA PRO A 138 -1.86 6.31 5.10
C PRO A 138 -0.89 7.34 5.70
N TRP A 139 -0.03 6.95 6.63
CA TRP A 139 0.92 7.91 7.20
C TRP A 139 2.16 8.10 6.34
N ASN A 140 2.28 7.41 5.21
CA ASN A 140 3.34 7.67 4.23
C ASN A 140 2.72 7.79 2.84
N GLU A 141 1.71 8.67 2.72
CA GLU A 141 1.16 9.07 1.43
C GLU A 141 0.56 7.90 0.66
N HIS A 142 0.05 6.90 1.39
CA HIS A 142 -0.55 5.69 0.82
C HIS A 142 0.41 4.96 -0.11
N LYS A 143 1.70 5.09 0.16
CA LYS A 143 2.69 4.28 -0.53
C LYS A 143 2.67 2.86 0.04
N PRO A 144 3.03 1.87 -0.77
CA PRO A 144 3.09 0.50 -0.26
C PRO A 144 3.87 0.45 1.04
N VAL A 145 3.39 -0.39 1.98
CA VAL A 145 3.91 -0.34 3.34
C VAL A 145 5.40 -0.68 3.40
N LYS A 146 5.92 -1.43 2.43
CA LYS A 146 7.36 -1.67 2.34
C LYS A 146 8.16 -0.38 2.20
N ILE A 147 7.56 0.69 1.66
CA ILE A 147 8.28 1.93 1.45
C ILE A 147 8.22 2.78 2.70
N GLY A 148 9.37 3.27 3.13
CA GLY A 148 9.40 4.17 4.27
C GLY A 148 10.76 4.28 4.92
N ARG A 149 11.04 5.43 5.53
CA ARG A 149 12.27 5.63 6.27
C ARG A 149 12.26 4.79 7.55
N ASP A 150 13.46 4.52 8.05
CA ASP A 150 13.61 3.93 9.38
C ASP A 150 12.79 4.76 10.37
N GLY A 151 11.93 4.07 11.12
CA GLY A 151 11.09 4.72 12.11
C GLY A 151 9.74 5.21 11.63
N GLN A 152 9.42 5.04 10.34
CA GLN A 152 8.11 5.47 9.84
C GLN A 152 6.98 4.76 10.57
N GLU A 153 6.05 5.52 11.14
CA GLU A 153 4.91 4.87 11.79
C GLU A 153 3.97 4.33 10.74
N ILE A 154 3.44 3.14 10.99
CA ILE A 154 2.44 2.48 10.15
C ILE A 154 1.08 2.57 10.84
N GLU A 155 0.07 3.06 10.12
CA GLU A 155 -1.27 3.22 10.66
C GLU A 155 -1.84 1.86 11.11
N LEU A 156 -2.75 1.91 12.11
CA LEU A 156 -3.20 0.72 12.84
C LEU A 156 -3.67 -0.42 11.94
N GLU A 157 -4.59 -0.15 11.01
CA GLU A 157 -5.17 -1.22 10.21
C GLU A 157 -4.14 -1.81 9.25
N CYS A 158 -3.34 -0.96 8.63
CA CYS A 158 -2.34 -1.47 7.69
C CYS A 158 -1.29 -2.28 8.45
N GLY A 159 -0.88 -1.80 9.63
CA GLY A 159 0.09 -2.52 10.44
C GLY A 159 -0.44 -3.87 10.92
N THR A 160 -1.70 -3.89 11.39
CA THR A 160 -2.32 -5.14 11.82
C THR A 160 -2.36 -6.15 10.67
N GLN A 161 -2.82 -5.71 9.50
CA GLN A 161 -2.92 -6.62 8.37
C GLN A 161 -1.54 -7.11 7.93
N LEU A 162 -0.53 -6.22 7.98
CA LEU A 162 0.82 -6.63 7.61
C LEU A 162 1.32 -7.73 8.53
N CYS A 163 1.16 -7.53 9.84
CA CYS A 163 1.62 -8.53 10.81
C CYS A 163 0.91 -9.86 10.61
N LEU A 164 -0.38 -9.82 10.28
CA LEU A 164 -1.15 -11.03 10.05
C LEU A 164 -0.78 -11.74 8.76
N LEU A 165 -0.03 -11.09 7.86
CA LEU A 165 0.46 -11.76 6.66
C LEU A 165 1.64 -12.68 6.93
N PHE A 166 2.39 -12.45 8.02
CA PHE A 166 3.58 -13.24 8.25
C PHE A 166 3.18 -14.69 8.49
N PRO A 167 4.01 -15.64 8.07
CA PRO A 167 3.77 -17.03 8.45
C PRO A 167 3.79 -17.16 9.96
N PRO A 168 2.96 -18.03 10.53
CA PRO A 168 3.02 -18.25 11.98
C PRO A 168 4.40 -18.73 12.42
N ASP A 169 4.84 -18.22 13.57
CA ASP A 169 6.08 -18.64 14.21
C ASP A 169 5.69 -19.51 15.39
N GLU A 170 5.62 -20.83 15.15
CA GLU A 170 5.17 -21.78 16.15
C GLU A 170 6.17 -21.94 17.30
N SER A 171 7.37 -21.39 17.18
CA SER A 171 8.32 -21.44 18.27
C SER A 171 8.03 -20.45 19.39
N ILE A 172 7.10 -19.51 19.20
CA ILE A 172 6.88 -18.43 20.16
C ILE A 172 5.54 -18.65 20.87
N ASP A 173 5.55 -18.48 22.18
CA ASP A 173 4.36 -18.58 23.02
C ASP A 173 4.01 -17.16 23.47
N LEU A 174 2.89 -16.64 22.98
CA LEU A 174 2.48 -15.28 23.30
C LEU A 174 1.90 -15.13 24.70
N TYR A 175 1.78 -16.21 25.46
CA TYR A 175 1.26 -16.10 26.81
C TYR A 175 2.10 -15.16 27.68
N GLN A 176 3.43 -15.27 27.60
CA GLN A 176 4.30 -14.39 28.38
C GLN A 176 4.20 -12.94 27.89
N VAL A 177 4.07 -12.75 26.58
CA VAL A 177 3.91 -11.42 26.03
C VAL A 177 2.64 -10.76 26.57
N ILE A 178 1.53 -11.49 26.54
CA ILE A 178 0.24 -10.93 26.95
C ILE A 178 0.29 -10.42 28.38
N HIS A 179 1.05 -11.09 29.25
CA HIS A 179 1.08 -10.69 30.66
C HIS A 179 1.84 -9.40 30.89
N LYS A 180 2.67 -8.96 29.94
CA LYS A 180 3.36 -7.68 30.08
C LYS A 180 2.49 -6.49 29.66
N MET A 181 1.34 -6.74 29.04
CA MET A 181 0.46 -5.67 28.60
C MET A 181 -0.38 -5.06 29.72
CA GLY B 18 0.21 -11.16 -27.21
C GLY B 18 -1.00 -10.46 -26.64
N THR B 19 -1.78 -9.83 -27.53
CA THR B 19 -2.88 -8.96 -27.13
C THR B 19 -4.25 -9.62 -27.15
N SER B 20 -4.33 -10.93 -27.46
CA SER B 20 -5.61 -11.60 -27.57
C SER B 20 -6.46 -11.45 -26.32
N LYS B 21 -5.86 -11.69 -25.14
CA LYS B 21 -6.62 -11.63 -23.89
C LYS B 21 -7.14 -10.22 -23.65
N LEU B 22 -6.26 -9.23 -23.78
CA LEU B 22 -6.69 -7.86 -23.51
C LEU B 22 -7.74 -7.40 -24.53
N LYS B 23 -7.55 -7.76 -25.80
CA LYS B 23 -8.54 -7.38 -26.81
C LYS B 23 -9.89 -8.03 -26.54
N TYR B 24 -9.88 -9.25 -25.99
CA TYR B 24 -11.14 -9.87 -25.59
C TYR B 24 -11.80 -9.09 -24.45
N VAL B 25 -11.02 -8.65 -23.47
CA VAL B 25 -11.58 -7.87 -22.37
C VAL B 25 -12.16 -6.56 -22.88
N LEU B 26 -11.50 -5.94 -23.87
CA LEU B 26 -11.89 -4.62 -24.35
C LEU B 26 -12.96 -4.65 -25.43
N GLN B 27 -13.44 -5.82 -25.83
CA GLN B 27 -14.55 -5.90 -26.77
C GLN B 27 -15.82 -5.36 -26.11
N ASP B 28 -16.53 -4.46 -26.81
CA ASP B 28 -17.79 -3.89 -26.36
C ASP B 28 -17.60 -2.90 -25.22
N ALA B 29 -16.36 -2.59 -24.85
CA ALA B 29 -16.09 -1.81 -23.64
C ALA B 29 -16.52 -0.35 -23.77
N ARG B 30 -16.79 0.27 -22.63
CA ARG B 30 -16.87 1.73 -22.53
C ARG B 30 -15.68 2.22 -21.71
N PHE B 31 -15.23 3.43 -22.00
CA PHE B 31 -13.97 3.94 -21.48
C PHE B 31 -14.19 5.32 -20.88
N PHE B 32 -13.65 5.54 -19.69
CA PHE B 32 -13.79 6.82 -19.01
C PHE B 32 -12.45 7.28 -18.48
N LEU B 33 -12.12 8.54 -18.76
CA LEU B 33 -10.96 9.17 -18.16
C LEU B 33 -11.27 9.50 -16.70
N ILE B 34 -10.34 9.16 -15.81
CA ILE B 34 -10.40 9.51 -14.40
C ILE B 34 -9.26 10.47 -14.14
N LYS B 35 -9.58 11.64 -13.58
CA LYS B 35 -8.59 12.67 -13.29
C LYS B 35 -8.50 12.81 -11.79
N SER B 36 -7.40 12.36 -11.21
CA SER B 36 -7.24 12.45 -9.77
C SER B 36 -6.44 13.71 -9.42
N ASN B 37 -6.86 14.40 -8.36
CA ASN B 37 -6.12 15.57 -7.95
C ASN B 37 -4.82 15.25 -7.24
N ASN B 38 -4.61 13.99 -6.80
CA ASN B 38 -3.41 13.65 -6.05
C ASN B 38 -2.94 12.25 -6.41
N HIS B 39 -1.64 12.04 -6.20
CA HIS B 39 -1.04 10.72 -6.42
C HIS B 39 -1.47 9.72 -5.36
N GLU B 40 -1.75 10.20 -4.13
CA GLU B 40 -1.98 9.28 -3.01
C GLU B 40 -3.21 8.41 -3.26
N ASN B 41 -4.28 8.99 -3.78
CA ASN B 41 -5.51 8.23 -3.95
C ASN B 41 -5.36 7.18 -5.05
N VAL B 42 -4.55 7.46 -6.08
CA VAL B 42 -4.28 6.44 -7.09
C VAL B 42 -3.43 5.32 -6.49
N SER B 43 -2.47 5.64 -5.63
CA SER B 43 -1.67 4.60 -5.00
C SER B 43 -2.54 3.70 -4.12
N LEU B 44 -3.43 4.31 -3.33
CA LEU B 44 -4.39 3.54 -2.54
C LEU B 44 -5.24 2.64 -3.44
N ALA B 45 -5.76 3.22 -4.54
CA ALA B 45 -6.66 2.50 -5.43
C ALA B 45 -5.96 1.33 -6.08
N LYS B 46 -4.68 1.51 -6.44
CA LYS B 46 -3.93 0.45 -7.12
C LYS B 46 -3.76 -0.74 -6.21
N ALA B 47 -3.56 -0.49 -4.92
CA ALA B 47 -3.31 -1.59 -3.99
C ALA B 47 -4.59 -2.28 -3.57
N LYS B 48 -5.65 -1.50 -3.34
CA LYS B 48 -6.87 -2.01 -2.77
C LYS B 48 -7.91 -2.42 -3.81
N GLY B 49 -7.83 -1.88 -5.03
CA GLY B 49 -8.80 -2.26 -6.04
C GLY B 49 -10.15 -1.59 -5.85
N VAL B 50 -10.14 -0.30 -5.52
CA VAL B 50 -11.35 0.46 -5.31
C VAL B 50 -11.18 1.84 -5.93
N TRP B 51 -12.30 2.45 -6.28
CA TRP B 51 -12.32 3.84 -6.71
C TRP B 51 -13.64 4.46 -6.29
N SER B 52 -13.60 5.77 -6.05
CA SER B 52 -14.76 6.59 -5.77
C SER B 52 -14.64 7.90 -6.54
N THR B 53 -15.78 8.46 -6.96
CA THR B 53 -15.80 9.68 -7.73
C THR B 53 -17.01 10.53 -7.30
N LEU B 54 -17.12 11.73 -7.88
CA LEU B 54 -18.21 12.66 -7.57
C LEU B 54 -19.55 12.15 -8.12
N PRO B 55 -20.66 12.60 -7.52
CA PRO B 55 -21.96 11.96 -7.83
C PRO B 55 -22.35 11.97 -9.30
N VAL B 56 -21.97 13.00 -10.05
CA VAL B 56 -22.32 13.07 -11.46
C VAL B 56 -21.64 11.92 -12.21
N ASN B 57 -20.35 11.75 -11.99
CA ASN B 57 -19.62 10.64 -12.61
C ASN B 57 -20.03 9.30 -12.02
N GLU B 58 -20.38 9.27 -10.74
CA GLU B 58 -20.78 8.00 -10.14
C GLU B 58 -22.00 7.43 -10.84
N LYS B 59 -23.00 8.27 -11.12
CA LYS B 59 -24.19 7.79 -11.80
C LYS B 59 -23.86 7.35 -13.23
N LYS B 60 -23.03 8.11 -13.94
CA LYS B 60 -22.59 7.72 -15.28
C LYS B 60 -21.94 6.35 -15.27
N LEU B 61 -21.04 6.11 -14.31
CA LEU B 61 -20.36 4.82 -14.27
C LEU B 61 -21.31 3.69 -13.92
N ASN B 62 -22.28 3.95 -13.03
CA ASN B 62 -23.27 2.92 -12.71
C ASN B 62 -24.11 2.56 -13.94
N LEU B 63 -24.60 3.58 -14.65
CA LEU B 63 -25.33 3.31 -15.89
C LEU B 63 -24.48 2.49 -16.84
N ALA B 64 -23.23 2.90 -17.05
CA ALA B 64 -22.37 2.21 -18.00
C ALA B 64 -22.12 0.76 -17.57
N PHE B 65 -22.01 0.53 -16.25
CA PHE B 65 -21.70 -0.82 -15.77
C PHE B 65 -22.80 -1.81 -16.14
N ARG B 66 -24.05 -1.38 -16.09
CA ARG B 66 -25.17 -2.25 -16.47
C ARG B 66 -25.39 -2.29 -17.97
N SER B 67 -24.88 -1.32 -18.71
CA SER B 67 -25.11 -1.28 -20.15
C SER B 67 -24.02 -2.00 -20.94
N ALA B 68 -22.81 -2.07 -20.41
CA ALA B 68 -21.65 -2.48 -21.20
C ALA B 68 -21.03 -3.76 -20.65
N ARG B 69 -20.39 -4.52 -21.53
CA ARG B 69 -19.74 -5.76 -21.14
C ARG B 69 -18.56 -5.50 -20.21
N SER B 70 -17.82 -4.40 -20.45
CA SER B 70 -16.70 -3.96 -19.64
C SER B 70 -16.74 -2.44 -19.55
N VAL B 71 -16.42 -1.90 -18.38
CA VAL B 71 -16.27 -0.45 -18.20
C VAL B 71 -14.85 -0.20 -17.72
N ILE B 72 -14.10 0.58 -18.49
CA ILE B 72 -12.68 0.79 -18.25
C ILE B 72 -12.47 2.21 -17.74
N LEU B 73 -11.77 2.33 -16.61
CA LEU B 73 -11.31 3.61 -16.08
C LEU B 73 -9.84 3.79 -16.45
N ILE B 74 -9.50 4.91 -17.08
CA ILE B 74 -8.13 5.22 -17.47
C ILE B 74 -7.68 6.41 -16.64
N PHE B 75 -6.68 6.19 -15.77
CA PHE B 75 -6.31 7.14 -14.73
C PHE B 75 -5.19 8.09 -15.17
N SER B 76 -5.36 9.38 -14.82
CA SER B 76 -4.30 10.37 -14.99
C SER B 76 -4.33 11.36 -13.83
N VAL B 77 -3.21 11.46 -13.12
CA VAL B 77 -3.10 12.42 -12.02
C VAL B 77 -2.89 13.82 -12.59
N ARG B 78 -3.62 14.78 -12.05
CA ARG B 78 -3.57 16.16 -12.52
C ARG B 78 -2.15 16.68 -12.50
N GLU B 79 -1.74 17.30 -13.60
CA GLU B 79 -0.44 17.93 -13.82
C GLU B 79 0.71 16.93 -13.92
N SER B 80 0.43 15.63 -13.99
CA SER B 80 1.52 14.67 -14.01
C SER B 80 2.10 14.42 -15.39
N GLY B 81 1.39 14.78 -16.46
CA GLY B 81 1.87 14.51 -17.80
C GLY B 81 1.82 13.06 -18.22
N LYS B 82 1.13 12.21 -17.47
CA LYS B 82 1.10 10.78 -17.75
C LYS B 82 -0.26 10.21 -17.37
N PHE B 83 -0.54 9.04 -17.95
CA PHE B 83 -1.54 8.14 -17.42
C PHE B 83 -0.84 7.20 -16.45
N GLN B 84 -1.52 6.86 -15.36
CA GLN B 84 -0.94 5.95 -14.38
C GLN B 84 -1.44 4.51 -14.49
N GLY B 85 -2.33 4.21 -15.42
CA GLY B 85 -2.77 2.84 -15.58
C GLY B 85 -4.25 2.78 -15.89
N PHE B 86 -4.81 1.57 -16.01
CA PHE B 86 -6.23 1.47 -16.26
C PHE B 86 -6.80 0.22 -15.61
N ALA B 87 -8.12 0.27 -15.35
CA ALA B 87 -8.79 -0.75 -14.56
C ALA B 87 -10.20 -0.96 -15.08
N ARG B 88 -10.77 -2.11 -14.73
CA ARG B 88 -12.11 -2.49 -15.16
C ARG B 88 -13.04 -2.55 -13.94
N LEU B 89 -14.18 -1.88 -14.03
CA LEU B 89 -15.21 -2.02 -13.00
C LEU B 89 -15.62 -3.48 -12.84
N SER B 90 -15.62 -3.96 -11.59
CA SER B 90 -16.20 -5.24 -11.28
C SER B 90 -17.53 -5.11 -10.54
N SER B 91 -17.92 -3.90 -10.16
CA SER B 91 -19.17 -3.70 -9.44
C SER B 91 -19.70 -2.32 -9.69
N GLU B 92 -21.02 -2.17 -9.56
CA GLU B 92 -21.60 -0.86 -9.35
C GLU B 92 -21.04 -0.28 -8.06
N SER B 93 -21.21 1.03 -7.89
CA SER B 93 -20.82 1.62 -6.63
C SER B 93 -21.70 1.08 -5.51
N HIS B 94 -21.12 0.98 -4.32
CA HIS B 94 -21.81 0.47 -3.14
C HIS B 94 -21.51 1.39 -1.97
N HIS B 95 -22.54 1.70 -1.19
CA HIS B 95 -22.38 2.51 0.01
C HIS B 95 -22.40 1.62 1.25
N GLY B 96 -21.80 2.11 2.32
CA GLY B 96 -21.96 1.51 3.62
C GLY B 96 -20.85 0.58 4.06
N GLY B 97 -19.79 0.42 3.27
CA GLY B 97 -18.64 -0.33 3.71
C GLY B 97 -17.76 0.50 4.63
N SER B 98 -16.68 -0.13 5.08
CA SER B 98 -15.71 0.56 5.91
C SER B 98 -15.12 1.73 5.12
N PRO B 99 -15.01 2.92 5.73
CA PRO B 99 -14.61 4.11 4.95
C PRO B 99 -13.21 3.98 4.40
N ILE B 100 -13.05 4.32 3.14
CA ILE B 100 -11.73 4.36 2.52
C ILE B 100 -11.02 5.63 2.95
N HIS B 101 -9.74 5.51 3.28
CA HIS B 101 -9.00 6.65 3.80
C HIS B 101 -8.52 7.61 2.72
N TRP B 102 -9.40 7.99 1.79
CA TRP B 102 -9.00 8.89 0.71
C TRP B 102 -8.36 10.15 1.27
N VAL B 103 -7.35 10.65 0.56
CA VAL B 103 -6.85 12.01 0.78
C VAL B 103 -7.82 12.94 0.07
N LEU B 104 -8.65 13.64 0.84
CA LEU B 104 -9.75 14.40 0.28
C LEU B 104 -9.26 15.75 -0.22
N PRO B 105 -9.45 16.08 -1.49
CA PRO B 105 -9.08 17.41 -1.98
C PRO B 105 -9.89 18.50 -1.28
N ALA B 106 -9.40 19.74 -1.42
CA ALA B 106 -10.03 20.88 -0.79
C ALA B 106 -11.52 20.95 -1.14
N GLY B 107 -12.36 21.04 -0.11
CA GLY B 107 -13.78 21.18 -0.33
C GLY B 107 -14.49 19.91 -0.77
N MET B 108 -13.87 18.75 -0.62
CA MET B 108 -14.51 17.49 -0.91
C MET B 108 -14.75 16.73 0.39
N SER B 109 -15.98 16.28 0.59
CA SER B 109 -16.32 15.49 1.77
C SER B 109 -16.31 14.01 1.43
N ALA B 110 -16.17 13.19 2.46
CA ALA B 110 -16.23 11.75 2.26
C ALA B 110 -17.58 11.33 1.70
N LYS B 111 -18.65 12.01 2.11
CA LYS B 111 -19.99 11.69 1.62
C LYS B 111 -20.10 11.91 0.12
N MET B 112 -19.38 12.90 -0.43
CA MET B 112 -19.37 13.09 -1.87
C MET B 112 -18.70 11.91 -2.58
N LEU B 113 -17.78 11.22 -1.93
CA LEU B 113 -17.13 10.03 -2.49
C LEU B 113 -17.67 8.73 -1.92
N GLY B 114 -18.92 8.75 -1.44
CA GLY B 114 -19.42 7.63 -0.66
C GLY B 114 -19.58 6.35 -1.45
N GLY B 115 -19.93 6.44 -2.73
CA GLY B 115 -20.06 5.24 -3.53
C GLY B 115 -18.68 4.66 -3.82
N VAL B 116 -18.49 3.38 -3.49
CA VAL B 116 -17.23 2.69 -3.74
C VAL B 116 -17.42 1.68 -4.84
N PHE B 117 -16.68 1.86 -5.94
CA PHE B 117 -16.58 0.87 -6.99
C PHE B 117 -15.45 -0.08 -6.69
N LYS B 118 -15.69 -1.38 -6.85
CA LYS B 118 -14.61 -2.34 -6.93
C LYS B 118 -14.09 -2.36 -8.35
N ILE B 119 -12.75 -2.38 -8.49
CA ILE B 119 -12.11 -2.40 -9.79
C ILE B 119 -11.00 -3.45 -9.78
N ASP B 120 -10.79 -4.06 -10.94
CA ASP B 120 -9.63 -4.91 -11.21
C ASP B 120 -8.69 -4.17 -12.14
N TRP B 121 -7.48 -3.93 -11.67
CA TRP B 121 -6.49 -3.27 -12.49
C TRP B 121 -6.04 -4.18 -13.62
N ILE B 122 -5.89 -3.58 -14.80
CA ILE B 122 -5.35 -4.26 -15.96
C ILE B 122 -3.91 -3.83 -16.23
N CYS B 123 -3.55 -2.59 -15.92
CA CYS B 123 -2.19 -2.13 -16.03
C CYS B 123 -1.99 -1.07 -14.97
N ARG B 124 -0.93 -1.21 -14.17
CA ARG B 124 -0.59 -0.20 -13.18
C ARG B 124 0.67 0.56 -13.55
N ARG B 125 1.17 0.38 -14.78
CA ARG B 125 2.36 1.06 -15.25
C ARG B 125 1.98 2.35 -15.97
N GLU B 126 2.90 3.31 -15.95
CA GLU B 126 2.65 4.64 -16.50
C GLU B 126 2.76 4.65 -18.02
N LEU B 127 1.99 5.55 -18.63
CA LEU B 127 2.10 5.85 -20.06
C LEU B 127 2.21 7.36 -20.21
N PRO B 128 3.36 7.87 -20.63
CA PRO B 128 3.50 9.33 -20.77
C PRO B 128 2.62 9.84 -21.90
N PHE B 129 2.16 11.08 -21.75
CA PHE B 129 1.31 11.70 -22.76
C PHE B 129 1.99 11.72 -24.13
N THR B 130 3.33 11.65 -24.17
CA THR B 130 4.03 11.68 -25.44
C THR B 130 3.72 10.44 -26.29
N LYS B 131 3.48 9.31 -25.64
CA LYS B 131 3.20 8.07 -26.36
C LYS B 131 1.77 7.97 -26.88
N SER B 132 0.88 8.87 -26.47
CA SER B 132 -0.51 8.85 -26.94
C SER B 132 -0.85 10.08 -27.76
N ALA B 133 0.16 10.79 -28.26
CA ALA B 133 -0.08 12.07 -28.92
C ALA B 133 -0.81 11.92 -30.25
N HIS B 134 -0.75 10.73 -30.87
CA HIS B 134 -1.43 10.51 -32.14
C HIS B 134 -2.91 10.17 -31.98
N LEU B 135 -3.39 9.97 -30.75
CA LEU B 135 -4.78 9.56 -30.52
C LEU B 135 -5.65 10.74 -30.13
N THR B 136 -6.76 10.90 -30.83
CA THR B 136 -7.76 11.92 -30.53
C THR B 136 -9.10 11.25 -30.28
N ASN B 137 -9.91 11.87 -29.42
CA ASN B 137 -11.18 11.32 -29.00
C ASN B 137 -12.33 12.01 -29.74
N PRO B 138 -13.04 11.30 -30.63
CA PRO B 138 -14.15 11.94 -31.37
C PRO B 138 -15.25 12.47 -30.47
N TRP B 139 -15.39 11.93 -29.26
CA TRP B 139 -16.43 12.33 -28.33
C TRP B 139 -16.00 13.47 -27.43
N ASN B 140 -14.81 14.01 -27.63
CA ASN B 140 -14.37 15.27 -27.06
C ASN B 140 -13.81 16.16 -28.15
N GLU B 141 -14.58 16.33 -29.23
CA GLU B 141 -14.26 17.26 -30.32
C GLU B 141 -12.94 16.93 -31.01
N HIS B 142 -12.58 15.64 -31.04
CA HIS B 142 -11.38 15.14 -31.72
C HIS B 142 -10.12 15.79 -31.17
N LYS B 143 -10.17 16.20 -29.90
CA LYS B 143 -8.99 16.64 -29.15
C LYS B 143 -8.14 15.45 -28.75
N PRO B 144 -6.82 15.65 -28.59
CA PRO B 144 -5.96 14.56 -28.13
C PRO B 144 -6.50 13.93 -26.84
N VAL B 145 -6.36 12.61 -26.75
CA VAL B 145 -7.03 11.86 -25.69
C VAL B 145 -6.52 12.26 -24.30
N LYS B 146 -5.33 12.84 -24.21
CA LYS B 146 -4.83 13.30 -22.92
C LYS B 146 -5.62 14.49 -22.40
N ILE B 147 -6.40 15.16 -23.24
CA ILE B 147 -7.20 16.30 -22.83
C ILE B 147 -8.56 15.79 -22.38
N GLY B 148 -8.96 16.16 -21.17
CA GLY B 148 -10.29 15.82 -20.69
C GLY B 148 -10.47 16.06 -19.20
N ARG B 149 -11.72 16.23 -18.80
CA ARG B 149 -12.07 16.37 -17.40
C ARG B 149 -12.36 15.00 -16.81
N ASP B 150 -12.33 14.93 -15.48
CA ASP B 150 -12.72 13.71 -14.78
C ASP B 150 -14.06 13.21 -15.30
N GLY B 151 -14.08 11.95 -15.75
CA GLY B 151 -15.27 11.32 -16.25
C GLY B 151 -15.48 11.40 -17.74
N GLN B 152 -14.60 12.07 -18.48
CA GLN B 152 -14.81 12.25 -19.92
C GLN B 152 -14.88 10.88 -20.57
N GLU B 153 -15.94 10.62 -21.33
CA GLU B 153 -16.03 9.31 -21.97
C GLU B 153 -15.19 9.31 -23.25
N ILE B 154 -14.53 8.17 -23.50
CA ILE B 154 -13.66 8.02 -24.66
C ILE B 154 -14.31 7.03 -25.61
N GLU B 155 -14.43 7.43 -26.88
CA GLU B 155 -15.01 6.56 -27.91
C GLU B 155 -14.24 5.24 -27.99
N LEU B 156 -14.96 4.20 -28.43
CA LEU B 156 -14.51 2.80 -28.30
C LEU B 156 -13.15 2.57 -28.96
N GLU B 157 -12.98 2.95 -30.23
CA GLU B 157 -11.71 2.61 -30.87
C GLU B 157 -10.57 3.41 -30.26
N CYS B 158 -10.81 4.68 -29.92
CA CYS B 158 -9.75 5.48 -29.32
C CYS B 158 -9.36 4.94 -27.95
N GLY B 159 -10.35 4.56 -27.14
CA GLY B 159 -10.05 3.99 -25.84
C GLY B 159 -9.34 2.66 -25.95
N THR B 160 -9.73 1.84 -26.92
CA THR B 160 -9.07 0.56 -27.14
C THR B 160 -7.61 0.76 -27.53
N GLN B 161 -7.35 1.66 -28.48
CA GLN B 161 -5.96 1.89 -28.89
C GLN B 161 -5.15 2.50 -27.75
N LEU B 162 -5.77 3.37 -26.94
CA LEU B 162 -5.05 3.95 -25.81
C LEU B 162 -4.62 2.86 -24.83
N CYS B 163 -5.55 1.94 -24.49
CA CYS B 163 -5.19 0.88 -23.57
C CYS B 163 -4.11 -0.03 -24.14
N LEU B 164 -4.10 -0.22 -25.46
CA LEU B 164 -3.09 -1.09 -26.05
C LEU B 164 -1.70 -0.46 -26.04
N LEU B 165 -1.61 0.86 -25.84
CA LEU B 165 -0.33 1.53 -25.79
C LEU B 165 0.44 1.21 -24.51
N PHE B 166 -0.27 0.86 -23.42
CA PHE B 166 0.38 0.64 -22.14
C PHE B 166 1.32 -0.57 -22.21
N PRO B 167 2.41 -0.54 -21.45
CA PRO B 167 3.31 -1.70 -21.43
C PRO B 167 2.68 -2.86 -20.66
N PRO B 168 3.15 -4.09 -20.92
CA PRO B 168 2.67 -5.24 -20.14
C PRO B 168 3.05 -5.09 -18.68
N ASP B 169 2.14 -5.51 -17.81
CA ASP B 169 2.33 -5.39 -16.38
C ASP B 169 2.46 -6.79 -15.80
N GLU B 170 3.68 -7.14 -15.37
CA GLU B 170 3.94 -8.49 -14.84
C GLU B 170 3.30 -8.72 -13.48
N SER B 171 2.78 -7.68 -12.81
CA SER B 171 2.08 -7.89 -11.56
C SER B 171 0.61 -8.22 -11.77
N ILE B 172 0.12 -8.15 -13.00
CA ILE B 172 -1.31 -8.33 -13.30
C ILE B 172 -1.53 -9.70 -13.92
N ASP B 173 -2.59 -10.38 -13.48
CA ASP B 173 -3.05 -11.64 -14.07
C ASP B 173 -4.48 -11.41 -14.52
N LEU B 174 -4.71 -11.42 -15.84
CA LEU B 174 -6.05 -11.18 -16.38
C LEU B 174 -7.01 -12.33 -16.15
N TYR B 175 -6.57 -13.44 -15.55
CA TYR B 175 -7.42 -14.62 -15.43
C TYR B 175 -8.68 -14.30 -14.64
N GLN B 176 -8.57 -13.54 -13.55
CA GLN B 176 -9.74 -13.23 -12.72
C GLN B 176 -10.76 -12.41 -13.48
N VAL B 177 -10.31 -11.39 -14.22
CA VAL B 177 -11.21 -10.57 -15.00
C VAL B 177 -11.98 -11.42 -16.01
N ILE B 178 -11.27 -12.30 -16.71
CA ILE B 178 -11.93 -13.13 -17.71
C ILE B 178 -12.95 -14.06 -17.07
N HIS B 179 -12.70 -14.52 -15.85
CA HIS B 179 -13.65 -15.45 -15.24
C HIS B 179 -14.92 -14.75 -14.75
N LYS B 180 -14.83 -13.50 -14.32
CA LYS B 180 -16.03 -12.76 -13.97
C LYS B 180 -16.65 -12.04 -15.17
N MET B 181 -16.27 -12.43 -16.38
CA MET B 181 -16.90 -11.87 -17.59
C MET B 181 -17.82 -12.90 -18.23
S SO4 C . 26.36 1.07 4.92
O1 SO4 C . 26.58 0.27 3.73
O2 SO4 C . 25.57 0.34 5.89
O3 SO4 C . 27.65 1.40 5.54
O4 SO4 C . 25.65 2.30 4.59
S SO4 D . -4.30 -19.16 19.89
O1 SO4 D . -3.10 -19.85 19.42
O2 SO4 D . -5.40 -19.43 18.97
O3 SO4 D . -4.70 -19.55 21.24
O4 SO4 D . -3.99 -17.74 19.82
S SO4 E . 5.43 9.57 10.98
O1 SO4 E . 6.04 8.24 11.16
O2 SO4 E . 4.11 9.44 10.35
O3 SO4 E . 6.29 10.38 10.13
O4 SO4 E . 5.22 10.22 12.28
C2 6MZ F . 21.51 -1.05 11.15
C4 6MZ F . 20.30 0.92 11.12
C5 6MZ F . 20.06 0.81 12.48
N9 6MZ F . 19.68 2.04 10.73
N3 6MZ F . 21.04 -0.03 10.47
N1 6MZ F . 21.31 -1.17 12.48
C6 6MZ F . 20.59 -0.29 13.18
N6 6MZ F . 20.37 -0.42 14.62
C9 6MZ F . 20.92 -1.58 15.37
N7 6MZ F . 19.31 1.90 12.86
C8 6MZ F . 19.09 2.64 11.78
O5' 6MZ F . 21.41 6.26 9.45
C5' 6MZ F . 21.67 5.40 8.36
C4' 6MZ F . 20.63 4.32 8.25
O4' 6MZ F . 20.90 3.29 9.20
C1' 6MZ F . 19.73 2.51 9.35
C2' 6MZ F . 18.55 3.39 8.91
O2' 6MZ F . 17.85 2.80 7.83
C3' 6MZ F . 19.21 4.73 8.56
O3' 6MZ F . 18.58 5.25 7.38
S SO4 G . 6.16 1.95 -14.17
O1 SO4 G . 6.32 1.43 -15.54
O2 SO4 G . 5.84 0.84 -13.29
O3 SO4 G . 5.09 2.95 -14.17
O4 SO4 G . 7.41 2.57 -13.75
S SO4 H . -25.90 0.82 -2.59
O1 SO4 H . -25.15 0.51 -3.81
O2 SO4 H . -27.27 0.32 -2.72
O3 SO4 H . -25.24 0.17 -1.45
O4 SO4 H . -25.91 2.26 -2.39
S SO4 I . -6.56 20.09 -4.04
O1 SO4 I . -6.73 18.70 -4.43
O2 SO4 I . -7.35 20.95 -4.94
O3 SO4 I . -6.98 20.26 -2.65
O4 SO4 I . -5.15 20.47 -4.17
C2 6MZ J . -8.82 12.57 -6.00
C4 6MZ J . -10.49 13.21 -7.48
C5 6MZ J . -11.22 12.06 -7.18
N9 6MZ J . -11.23 13.90 -8.40
N3 6MZ J . -9.29 13.44 -6.87
N1 6MZ J . -9.51 11.45 -5.68
C6 6MZ J . -10.69 11.16 -6.24
N6 6MZ J . -11.41 9.94 -5.90
C9 6MZ J . -10.91 9.02 -4.83
N7 6MZ J . -12.37 12.10 -7.93
C8 6MZ J . -12.36 13.21 -8.66
O5' 6MZ J . -13.75 17.45 -7.35
C5' 6MZ J . -12.56 18.13 -7.73
C4' 6MZ J . -11.73 17.32 -8.69
O4' 6MZ J . -11.13 16.19 -8.00
C1' 6MZ J . -10.82 15.19 -8.95
C2' 6MZ J . -11.53 15.54 -10.27
O2' 6MZ J . -10.56 16.03 -11.18
C3' 6MZ J . -12.48 16.66 -9.84
O3' 6MZ J . -12.81 17.57 -10.88
#